data_4N18
#
_entry.id   4N18
#
_cell.length_a   76.567
_cell.length_b   76.567
_cell.length_c   101.281
_cell.angle_alpha   90.000
_cell.angle_beta   90.000
_cell.angle_gamma   90.000
#
_symmetry.space_group_name_H-M   'P 41 21 2'
#
loop_
_entity.id
_entity.type
_entity.pdbx_description
1 polymer 'D-isomer specific 2-hydroxyacid dehydrogenase family protein'
2 non-polymer 2-{2-[2-(2-{2-[2-(2-ETHOXY-ETHOXY)-ETHOXY]-ETHOXY}-ETHOXY)-ETHOXY]-ETHOXY}-ETHANOL
3 non-polymer 'CITRIC ACID'
4 water water
#
_entity_poly.entity_id   1
_entity_poly.type   'polypeptide(L)'
_entity_poly.pdbx_seq_one_letter_code
;(MSE)HHHHHHSSGVDLGTENLYFQS(MSE)SDITIVVDCNDADFARDICAALQQFPDVTALLPHHQAARDAQYASCWFP
DPQLLSRSPGLKLIQAASAGVDHLPPALFASEIPLCRVIDEDFRHG(MSE)FEYALWSVLWFQRHFDRALAHQRTQTWKL
YPQRAAADFHIGI(MSE)GLGEIGGYIADQLARLGYRVSGWSRSEKQLAGVTCYRGEEALDHFLGSLDGLINLLPLTAQT
RGILAAPLFNRLPAGAVLINCGRGEH(MSE)VNDDVLAALESGQLAGAVLDVFPQEPLPADDPLWRHPQVVITPH(MSE)
ASAAPAEVIARQLLENIQRQRRGLPLKNLVNKHAGY
;
_entity_poly.pdbx_strand_id   A
#
loop_
_chem_comp.id
_chem_comp.type
_chem_comp.name
_chem_comp.formula
CIT non-polymer 'CITRIC ACID' 'C6 H8 O7'
PE4 non-polymer 2-{2-[2-(2-{2-[2-(2-ETHOXY-ETHOXY)-ETHOXY]-ETHOXY}-ETHOXY)-ETHOXY]-ETHOXY}-ETHANOL 'C16 H34 O8'
#
# COMPACT_ATOMS: atom_id res chain seq x y z
N PHE A 20 -15.82 42.91 -3.64
CA PHE A 20 -15.09 41.78 -3.08
C PHE A 20 -15.05 40.65 -4.12
N GLN A 21 -14.11 39.73 -3.90
CA GLN A 21 -14.00 38.48 -4.71
C GLN A 21 -15.00 37.44 -4.17
N SER A 22 -15.81 36.86 -5.04
CA SER A 22 -16.69 35.82 -4.60
C SER A 22 -15.86 34.61 -4.25
N MSE A 23 -16.31 33.84 -3.28
CA MSE A 23 -15.60 32.66 -2.88
C MSE A 23 -15.68 31.64 -3.94
O MSE A 23 -16.66 31.64 -4.69
CB MSE A 23 -16.37 32.03 -1.77
CG MSE A 23 -16.45 33.03 -0.65
SE MSE A 23 -16.15 32.01 0.98
CE MSE A 23 -17.16 30.41 0.45
N SER A 24 -14.71 30.74 -4.02
CA SER A 24 -14.75 29.72 -5.04
C SER A 24 -15.95 28.83 -4.86
N ASP A 25 -16.56 28.47 -5.97
CA ASP A 25 -17.60 27.46 -5.99
C ASP A 25 -17.20 26.12 -5.30
N ILE A 26 -15.90 25.78 -5.38
CA ILE A 26 -15.42 24.55 -4.77
C ILE A 26 -14.37 24.82 -3.69
N THR A 27 -14.66 24.31 -2.51
CA THR A 27 -13.75 24.44 -1.37
C THR A 27 -13.45 23.03 -0.82
N ILE A 28 -12.17 22.77 -0.67
CA ILE A 28 -11.67 21.45 -0.31
C ILE A 28 -10.70 21.55 0.82
N VAL A 29 -10.88 20.68 1.80
CA VAL A 29 -9.88 20.45 2.81
C VAL A 29 -9.02 19.20 2.51
N VAL A 30 -7.73 19.41 2.64
CA VAL A 30 -6.70 18.40 2.30
C VAL A 30 -6.05 18.05 3.63
N ASP A 31 -6.43 16.87 4.12
CA ASP A 31 -6.07 16.37 5.40
C ASP A 31 -5.20 15.15 5.18
N CYS A 32 -3.88 15.37 5.13
CA CYS A 32 -2.91 14.31 4.87
C CYS A 32 -1.88 14.34 5.94
N ASN A 33 -1.41 13.16 6.32
CA ASN A 33 -0.41 13.09 7.36
C ASN A 33 0.98 13.54 6.94
N ASP A 34 1.27 13.47 5.65
CA ASP A 34 2.59 13.88 5.13
C ASP A 34 2.37 15.28 4.57
N ALA A 35 3.01 16.27 5.20
CA ALA A 35 2.79 17.69 4.89
C ALA A 35 3.10 18.02 3.42
N ASP A 36 4.15 17.39 2.89
CA ASP A 36 4.63 17.60 1.54
C ASP A 36 3.54 17.10 0.56
N PHE A 37 2.90 16.00 0.92
CA PHE A 37 1.88 15.40 0.08
C PHE A 37 0.65 16.32 0.07
N ALA A 38 0.29 16.84 1.25
CA ALA A 38 -0.89 17.68 1.37
C ALA A 38 -0.62 18.91 0.58
N ARG A 39 0.59 19.47 0.70
CA ARG A 39 0.92 20.65 -0.04
C ARG A 39 0.89 20.46 -1.53
N ASP A 40 1.40 19.31 -2.00
CA ASP A 40 1.36 18.97 -3.41
C ASP A 40 -0.04 18.85 -3.96
N ILE A 41 -0.90 18.14 -3.24
CA ILE A 41 -2.37 18.05 -3.59
C ILE A 41 -3.04 19.45 -3.56
N CYS A 42 -2.87 20.29 -2.51
CA CYS A 42 -3.39 21.65 -2.54
C CYS A 42 -2.97 22.40 -3.83
N ALA A 43 -1.69 22.30 -4.21
CA ALA A 43 -1.16 23.03 -5.37
C ALA A 43 -1.82 22.46 -6.62
N ALA A 44 -1.99 21.14 -6.71
CA ALA A 44 -2.55 20.59 -7.95
C ALA A 44 -4.05 20.98 -8.08
N LEU A 45 -4.77 21.03 -6.96
CA LEU A 45 -6.16 21.49 -6.98
C LEU A 45 -6.27 23.00 -7.37
N GLN A 46 -5.34 23.81 -6.88
CA GLN A 46 -5.35 25.24 -7.12
C GLN A 46 -4.90 25.58 -8.54
N GLN A 47 -4.47 24.58 -9.28
CA GLN A 47 -4.20 24.78 -10.71
C GLN A 47 -5.53 24.94 -11.50
N PHE A 48 -6.62 24.49 -10.91
CA PHE A 48 -7.93 24.68 -11.51
C PHE A 48 -8.53 25.99 -11.05
N PRO A 49 -8.90 26.88 -11.97
CA PRO A 49 -9.56 28.09 -11.45
C PRO A 49 -10.87 27.77 -10.68
N ASP A 50 -11.30 28.67 -9.79
CA ASP A 50 -12.58 28.54 -9.05
C ASP A 50 -12.52 27.40 -8.00
N VAL A 51 -11.30 27.06 -7.55
CA VAL A 51 -11.10 26.05 -6.50
C VAL A 51 -10.21 26.62 -5.47
N THR A 52 -10.63 26.42 -4.24
CA THR A 52 -9.86 26.76 -3.07
C THR A 52 -9.51 25.44 -2.28
N ALA A 53 -8.25 25.27 -1.93
CA ALA A 53 -7.80 24.11 -1.17
C ALA A 53 -7.16 24.60 0.07
N LEU A 54 -7.60 24.07 1.21
CA LEU A 54 -7.26 24.57 2.54
C LEU A 54 -6.69 23.42 3.34
N LEU A 55 -5.76 23.73 4.23
CA LEU A 55 -5.33 22.76 5.23
C LEU A 55 -6.24 22.88 6.44
N PRO A 56 -6.29 21.80 7.26
CA PRO A 56 -7.21 21.74 8.38
C PRO A 56 -7.09 22.87 9.42
N HIS A 57 -5.88 23.43 9.59
CA HIS A 57 -5.70 24.54 10.55
C HIS A 57 -6.40 25.83 10.15
N HIS A 58 -6.66 26.00 8.87
CA HIS A 58 -7.39 27.19 8.40
C HIS A 58 -8.85 27.08 8.90
N GLN A 59 -9.35 28.14 9.52
CA GLN A 59 -10.68 28.12 10.13
C GLN A 59 -11.79 27.94 9.10
N ALA A 60 -11.46 28.28 7.83
CA ALA A 60 -12.38 28.13 6.74
C ALA A 60 -12.52 26.66 6.36
N ALA A 61 -11.57 25.82 6.84
CA ALA A 61 -11.59 24.36 6.69
C ALA A 61 -12.86 23.80 7.29
N ARG A 62 -13.29 24.38 8.42
CA ARG A 62 -14.56 23.95 9.03
C ARG A 62 -15.75 24.05 8.06
N ASP A 63 -15.66 24.96 7.10
CA ASP A 63 -16.72 25.12 6.07
C ASP A 63 -16.51 24.32 4.78
N ALA A 64 -15.44 23.52 4.67
CA ALA A 64 -15.23 22.84 3.39
C ALA A 64 -16.40 21.87 3.05
N GLN A 65 -16.76 21.78 1.79
CA GLN A 65 -17.82 20.83 1.38
C GLN A 65 -17.15 19.53 0.84
N TYR A 66 -15.82 19.52 0.66
CA TYR A 66 -15.15 18.32 0.12
C TYR A 66 -13.79 18.09 0.70
N ALA A 67 -13.36 16.85 0.79
CA ALA A 67 -12.08 16.53 1.44
C ALA A 67 -11.27 15.51 0.64
N SER A 68 -9.94 15.68 0.61
CA SER A 68 -8.98 14.69 0.14
C SER A 68 -8.15 14.24 1.32
N CYS A 69 -7.97 12.92 1.52
CA CYS A 69 -7.52 12.36 2.79
C CYS A 69 -6.47 11.27 2.62
N TRP A 70 -5.47 11.35 3.44
CA TRP A 70 -4.48 10.29 3.59
C TRP A 70 -4.03 10.31 5.06
N PHE A 71 -4.42 9.28 5.81
CA PHE A 71 -4.36 9.28 7.26
C PHE A 71 -4.89 10.59 7.82
N PRO A 72 -6.18 10.89 7.57
CA PRO A 72 -6.70 12.16 8.06
C PRO A 72 -6.96 12.13 9.57
N ASP A 73 -7.17 13.30 10.15
CA ASP A 73 -7.66 13.39 11.53
C ASP A 73 -8.88 12.45 11.76
N PRO A 74 -8.81 11.55 12.78
CA PRO A 74 -10.04 10.81 13.15
C PRO A 74 -11.25 11.70 13.48
N GLN A 75 -11.01 12.98 13.76
CA GLN A 75 -12.04 14.00 14.04
C GLN A 75 -12.51 14.85 12.86
N LEU A 76 -12.12 14.48 11.63
CA LEU A 76 -12.42 15.23 10.44
C LEU A 76 -13.90 15.67 10.39
N LEU A 77 -14.81 14.75 10.64
CA LEU A 77 -16.22 15.01 10.42
C LEU A 77 -16.74 16.01 11.47
N SER A 78 -16.04 16.09 12.61
CA SER A 78 -16.35 17.12 13.62
C SER A 78 -15.82 18.45 13.16
N ARG A 79 -14.55 18.50 12.79
CA ARG A 79 -13.90 19.74 12.41
C ARG A 79 -14.55 20.32 11.14
N SER A 80 -14.96 19.45 10.23
CA SER A 80 -15.59 19.86 8.96
C SER A 80 -16.89 19.12 8.79
N PRO A 81 -17.95 19.62 9.42
CA PRO A 81 -19.18 18.87 9.54
C PRO A 81 -20.09 18.99 8.33
N GLY A 82 -19.76 19.84 7.37
CA GLY A 82 -20.59 19.99 6.16
C GLY A 82 -20.07 19.22 4.94
N LEU A 83 -19.33 18.15 5.16
CA LEU A 83 -18.64 17.53 4.03
C LEU A 83 -19.62 16.69 3.23
N LYS A 84 -19.53 16.78 1.91
CA LYS A 84 -20.47 16.12 0.98
C LYS A 84 -19.85 14.98 0.23
N LEU A 85 -18.53 15.03 0.10
CA LEU A 85 -17.79 13.95 -0.59
C LEU A 85 -16.39 13.91 -0.04
N ILE A 86 -15.92 12.70 0.30
CA ILE A 86 -14.60 12.55 0.87
C ILE A 86 -13.85 11.59 -0.04
N GLN A 87 -12.63 11.97 -0.38
CA GLN A 87 -11.80 11.15 -1.23
C GLN A 87 -10.52 10.66 -0.52
N ALA A 88 -10.28 9.36 -0.59
CA ALA A 88 -9.04 8.79 -0.13
C ALA A 88 -8.01 9.02 -1.24
N ALA A 89 -6.90 9.65 -0.89
CA ALA A 89 -5.91 10.07 -1.84
C ALA A 89 -4.97 8.93 -2.28
N SER A 90 -5.59 7.80 -2.65
CA SER A 90 -4.90 6.50 -2.81
C SER A 90 -5.93 5.45 -3.23
N ALA A 91 -5.45 4.28 -3.62
CA ALA A 91 -6.34 3.19 -4.04
C ALA A 91 -6.79 2.48 -2.77
N GLY A 92 -5.97 2.45 -1.75
CA GLY A 92 -6.37 1.78 -0.48
C GLY A 92 -7.20 2.72 0.39
N VAL A 93 -7.94 2.14 1.32
CA VAL A 93 -8.76 2.97 2.24
C VAL A 93 -8.51 2.63 3.68
N ASP A 94 -7.52 1.80 3.99
CA ASP A 94 -7.43 1.30 5.38
C ASP A 94 -6.77 2.30 6.29
N HIS A 95 -6.46 3.49 5.78
CA HIS A 95 -5.85 4.54 6.53
C HIS A 95 -6.89 5.56 6.97
N LEU A 96 -8.14 5.33 6.56
CA LEU A 96 -9.20 6.23 6.91
C LEU A 96 -9.72 5.79 8.20
N PRO A 97 -10.10 6.74 9.06
CA PRO A 97 -10.58 6.34 10.38
C PRO A 97 -11.99 5.75 10.39
N PRO A 98 -12.29 4.92 11.42
CA PRO A 98 -13.58 4.26 11.52
C PRO A 98 -14.80 5.17 11.31
N ALA A 99 -14.76 6.42 11.76
CA ALA A 99 -15.92 7.28 11.60
C ALA A 99 -16.35 7.54 10.16
N LEU A 100 -15.40 7.56 9.22
CA LEU A 100 -15.77 7.81 7.83
C LEU A 100 -16.63 6.63 7.30
N PHE A 101 -16.31 5.43 7.74
CA PHE A 101 -17.01 4.25 7.30
C PHE A 101 -18.41 4.17 7.90
N ALA A 102 -18.58 4.76 9.09
CA ALA A 102 -19.87 4.68 9.75
C ALA A 102 -20.74 5.85 9.33
N SER A 103 -20.20 6.89 8.69
CA SER A 103 -21.11 7.98 8.28
C SER A 103 -21.75 7.68 6.90
N GLU A 104 -22.71 8.54 6.55
CA GLU A 104 -23.43 8.47 5.29
C GLU A 104 -22.82 9.37 4.22
N ILE A 105 -21.70 10.02 4.51
CA ILE A 105 -21.00 10.81 3.47
C ILE A 105 -20.39 9.88 2.43
N PRO A 106 -20.63 10.13 1.14
CA PRO A 106 -19.98 9.38 0.04
C PRO A 106 -18.45 9.43 0.05
N LEU A 107 -17.84 8.31 -0.23
CA LEU A 107 -16.45 8.11 -0.04
C LEU A 107 -15.99 7.50 -1.35
N CYS A 108 -14.93 8.05 -1.93
CA CYS A 108 -14.39 7.56 -3.19
C CYS A 108 -12.89 7.39 -3.09
N ARG A 109 -12.32 6.74 -4.10
CA ARG A 109 -10.90 6.57 -4.08
C ARG A 109 -10.29 6.89 -5.43
N VAL A 110 -8.96 6.90 -5.43
CA VAL A 110 -8.14 7.18 -6.62
C VAL A 110 -7.71 5.89 -7.26
N ILE A 111 -8.07 5.70 -8.52
CA ILE A 111 -7.71 4.51 -9.26
C ILE A 111 -6.90 5.03 -10.44
N ASP A 112 -5.63 4.62 -10.49
CA ASP A 112 -4.67 5.23 -11.38
C ASP A 112 -3.65 4.20 -11.90
N GLU A 113 -3.55 4.06 -13.22
CA GLU A 113 -2.65 3.08 -13.84
C GLU A 113 -1.20 3.33 -13.39
N ASP A 114 -0.78 4.59 -13.35
CA ASP A 114 0.60 4.88 -12.94
C ASP A 114 0.91 4.44 -11.53
N PHE A 115 0.01 4.63 -10.57
CA PHE A 115 0.23 4.11 -9.25
C PHE A 115 0.44 2.56 -9.17
N ARG A 116 -0.46 1.84 -9.84
CA ARG A 116 -0.42 0.35 -9.76
C ARG A 116 0.91 -0.10 -10.39
N HIS A 117 1.23 0.46 -11.55
CA HIS A 117 2.56 0.20 -12.18
C HIS A 117 3.76 0.44 -11.24
N GLY A 118 3.70 1.50 -10.43
CA GLY A 118 4.72 1.75 -9.42
C GLY A 118 4.80 0.66 -8.35
N MSE A 119 3.66 0.14 -7.91
CA MSE A 119 3.64 -0.86 -6.86
C MSE A 119 4.30 -2.13 -7.46
O MSE A 119 5.12 -2.79 -6.85
CB MSE A 119 2.23 -1.24 -6.38
CG MSE A 119 1.44 -0.13 -5.66
SE MSE A 119 2.39 0.22 -4.00
CE MSE A 119 2.35 -1.47 -3.01
N PHE A 120 3.98 -2.42 -8.73
CA PHE A 120 4.63 -3.53 -9.44
C PHE A 120 6.15 -3.34 -9.54
N GLU A 121 6.59 -2.16 -9.97
CA GLU A 121 8.00 -1.90 -10.01
C GLU A 121 8.78 -2.22 -8.75
N TYR A 122 8.21 -1.82 -7.61
CA TYR A 122 8.80 -2.03 -6.30
C TYR A 122 8.89 -3.52 -5.97
N ALA A 123 7.83 -4.23 -6.27
CA ALA A 123 7.76 -5.64 -6.01
C ALA A 123 8.74 -6.39 -6.88
N LEU A 124 8.85 -6.01 -8.17
CA LEU A 124 9.80 -6.59 -9.09
C LEU A 124 11.27 -6.35 -8.68
N TRP A 125 11.62 -5.11 -8.28
CA TRP A 125 12.95 -4.83 -7.76
C TRP A 125 13.24 -5.77 -6.61
N SER A 126 12.26 -5.91 -5.73
CA SER A 126 12.47 -6.72 -4.55
C SER A 126 12.56 -8.21 -4.83
N VAL A 127 11.80 -8.72 -5.80
CA VAL A 127 11.85 -10.09 -6.18
C VAL A 127 13.24 -10.33 -6.75
N LEU A 128 13.67 -9.45 -7.66
CA LEU A 128 14.96 -9.61 -8.31
C LEU A 128 16.18 -9.61 -7.37
N TRP A 129 16.17 -8.64 -6.47
CA TRP A 129 17.12 -8.49 -5.39
C TRP A 129 17.47 -9.84 -4.74
N PHE A 130 16.42 -10.61 -4.40
CA PHE A 130 16.59 -11.96 -3.84
C PHE A 130 16.86 -13.06 -4.90
N GLN A 131 16.05 -13.13 -5.95
CA GLN A 131 16.19 -14.23 -6.95
C GLN A 131 17.58 -14.25 -7.53
N ARG A 132 18.08 -13.10 -7.91
CA ARG A 132 19.38 -12.93 -8.57
C ARG A 132 20.51 -12.59 -7.62
N HIS A 133 20.23 -12.62 -6.31
CA HIS A 133 21.28 -12.41 -5.32
C HIS A 133 22.04 -11.09 -5.37
N PHE A 134 21.37 -10.04 -5.77
CA PHE A 134 21.91 -8.71 -5.61
C PHE A 134 22.09 -8.44 -4.12
N ASP A 135 21.27 -9.06 -3.28
CA ASP A 135 21.42 -8.86 -1.84
C ASP A 135 22.77 -9.34 -1.35
N ARG A 136 23.17 -10.51 -1.78
CA ARG A 136 24.47 -11.06 -1.46
C ARG A 136 25.63 -10.27 -2.05
N ALA A 137 25.47 -9.83 -3.29
CA ALA A 137 26.45 -8.99 -3.95
C ALA A 137 26.68 -7.69 -3.17
N LEU A 138 25.62 -7.03 -2.75
CA LEU A 138 25.80 -5.75 -2.08
C LEU A 138 26.44 -6.02 -0.73
N ALA A 139 26.03 -7.06 0.00
CA ALA A 139 26.65 -7.39 1.26
C ALA A 139 28.19 -7.69 1.12
N HIS A 140 28.56 -8.44 0.09
CA HIS A 140 29.93 -8.89 -0.13
C HIS A 140 30.81 -7.75 -0.60
N GLN A 141 30.16 -6.77 -1.21
CA GLN A 141 30.83 -5.58 -1.67
C GLN A 141 31.42 -4.77 -0.54
N ARG A 142 30.75 -4.81 0.61
CA ARG A 142 31.24 -4.15 1.80
C ARG A 142 32.57 -4.68 2.29
N THR A 143 32.89 -5.94 1.97
CA THR A 143 34.15 -6.58 2.35
C THR A 143 35.07 -6.85 1.15
N GLN A 144 34.68 -6.35 -0.02
CA GLN A 144 35.40 -6.64 -1.28
C GLN A 144 35.49 -8.14 -1.54
N THR A 145 34.44 -8.87 -1.18
CA THR A 145 34.39 -10.30 -1.47
C THR A 145 33.68 -10.56 -2.85
N TRP A 146 34.37 -11.30 -3.74
CA TRP A 146 33.86 -11.72 -5.05
C TRP A 146 33.31 -13.14 -4.91
N LYS A 147 32.00 -13.30 -5.01
CA LYS A 147 31.41 -14.61 -4.89
C LYS A 147 30.20 -14.77 -5.77
N LEU A 148 30.36 -15.58 -6.82
CA LEU A 148 29.27 -15.90 -7.74
C LEU A 148 28.40 -16.98 -7.07
N TYR A 149 27.10 -16.87 -7.23
CA TYR A 149 26.19 -17.91 -6.77
C TYR A 149 25.49 -18.47 -7.97
N PRO A 150 24.87 -19.65 -7.80
CA PRO A 150 24.06 -20.22 -8.86
C PRO A 150 22.99 -19.27 -9.35
N GLN A 151 22.71 -19.38 -10.65
CA GLN A 151 21.74 -18.55 -11.30
C GLN A 151 20.40 -19.28 -11.24
N ARG A 152 19.36 -18.54 -10.90
CA ARG A 152 18.05 -19.05 -10.59
C ARG A 152 17.06 -18.51 -11.60
N ALA A 153 16.47 -19.40 -12.40
CA ALA A 153 15.53 -18.96 -13.43
C ALA A 153 14.24 -18.52 -12.77
N ALA A 154 13.52 -17.60 -13.42
CA ALA A 154 12.25 -17.14 -12.96
C ALA A 154 11.28 -18.30 -12.71
N ALA A 155 11.28 -19.35 -13.55
CA ALA A 155 10.31 -20.45 -13.27
C ALA A 155 10.67 -21.24 -12.02
N ASP A 156 11.89 -21.09 -11.57
CA ASP A 156 12.34 -21.76 -10.37
C ASP A 156 12.36 -20.82 -9.17
N PHE A 157 11.70 -19.67 -9.27
CA PHE A 157 11.48 -18.75 -8.10
C PHE A 157 9.97 -18.57 -7.87
N HIS A 158 9.48 -19.21 -6.82
CA HIS A 158 8.06 -19.26 -6.54
C HIS A 158 7.70 -18.08 -5.66
N ILE A 159 6.98 -17.15 -6.23
CA ILE A 159 6.52 -15.94 -5.49
C ILE A 159 5.05 -16.04 -5.14
N GLY A 160 4.71 -15.75 -3.87
CA GLY A 160 3.31 -15.75 -3.38
C GLY A 160 2.88 -14.30 -3.12
N ILE A 161 1.78 -13.91 -3.69
CA ILE A 161 1.20 -12.58 -3.44
C ILE A 161 -0.02 -12.77 -2.54
N MSE A 162 0.00 -12.16 -1.37
CA MSE A 162 -1.15 -12.23 -0.48
C MSE A 162 -1.93 -10.97 -0.66
O MSE A 162 -1.46 -9.89 -0.34
CB MSE A 162 -0.63 -12.19 0.92
CG MSE A 162 -0.26 -13.53 1.47
SE MSE A 162 -0.27 -13.64 3.47
CE MSE A 162 0.78 -12.12 4.01
N GLY A 163 -3.19 -11.08 -1.09
CA GLY A 163 -4.00 -9.92 -1.38
C GLY A 163 -4.09 -9.79 -2.90
N LEU A 164 -5.27 -10.04 -3.47
CA LEU A 164 -5.40 -10.09 -4.92
C LEU A 164 -6.50 -9.14 -5.41
N GLY A 165 -6.53 -7.93 -4.88
CA GLY A 165 -7.43 -6.87 -5.35
C GLY A 165 -6.82 -6.16 -6.54
N GLU A 166 -7.20 -4.89 -6.69
CA GLU A 166 -6.74 -4.12 -7.83
C GLU A 166 -5.21 -4.25 -7.97
N ILE A 167 -4.51 -4.13 -6.85
CA ILE A 167 -3.04 -3.99 -6.94
C ILE A 167 -2.43 -5.37 -6.97
N GLY A 168 -2.74 -6.18 -5.97
CA GLY A 168 -2.17 -7.52 -5.87
C GLY A 168 -2.39 -8.37 -7.12
N GLY A 169 -3.57 -8.28 -7.70
CA GLY A 169 -3.90 -9.10 -8.88
C GLY A 169 -3.14 -8.68 -10.09
N TYR A 170 -3.02 -7.39 -10.25
CA TYR A 170 -2.14 -6.82 -11.26
C TYR A 170 -0.68 -7.32 -11.14
N ILE A 171 -0.09 -7.22 -9.96
CA ILE A 171 1.31 -7.61 -9.72
C ILE A 171 1.48 -9.11 -10.04
N ALA A 172 0.53 -9.92 -9.53
CA ALA A 172 0.57 -11.36 -9.76
C ALA A 172 0.54 -11.72 -11.25
N ASP A 173 -0.33 -11.08 -11.98
CA ASP A 173 -0.42 -11.26 -13.41
C ASP A 173 0.84 -10.82 -14.14
N GLN A 174 1.41 -9.68 -13.75
CA GLN A 174 2.60 -9.18 -14.43
C GLN A 174 3.84 -10.04 -14.13
N LEU A 175 3.93 -10.55 -12.90
CA LEU A 175 4.99 -11.46 -12.57
C LEU A 175 4.90 -12.75 -13.36
N ALA A 176 3.68 -13.23 -13.59
CA ALA A 176 3.47 -14.48 -14.24
C ALA A 176 3.85 -14.30 -15.69
N ARG A 177 3.60 -13.10 -16.24
CA ARG A 177 3.95 -12.74 -17.59
C ARG A 177 5.45 -12.70 -17.86
N LEU A 178 6.25 -12.34 -16.86
CA LEU A 178 7.73 -12.44 -16.90
C LEU A 178 8.30 -13.83 -16.71
N GLY A 179 7.46 -14.79 -16.37
CA GLY A 179 7.88 -16.16 -16.30
C GLY A 179 8.06 -16.71 -14.90
N TYR A 180 7.76 -15.92 -13.88
CA TYR A 180 7.78 -16.44 -12.50
C TYR A 180 6.74 -17.55 -12.26
N ARG A 181 7.08 -18.45 -11.37
CA ARG A 181 6.09 -19.32 -10.75
C ARG A 181 5.35 -18.46 -9.69
N VAL A 182 4.03 -18.26 -9.87
CA VAL A 182 3.29 -17.30 -9.05
C VAL A 182 2.05 -18.00 -8.47
N SER A 183 1.94 -17.78 -7.17
CA SER A 183 0.78 -18.24 -6.39
C SER A 183 0.14 -16.97 -5.85
N GLY A 184 -1.14 -17.06 -5.55
CA GLY A 184 -1.82 -15.90 -4.99
C GLY A 184 -2.78 -16.34 -3.93
N TRP A 185 -3.03 -15.46 -2.93
CA TRP A 185 -3.89 -15.82 -1.84
C TRP A 185 -4.89 -14.71 -1.64
N SER A 186 -6.14 -15.06 -1.46
CA SER A 186 -7.16 -14.02 -1.17
C SER A 186 -8.17 -14.60 -0.20
N ARG A 187 -8.90 -13.69 0.43
CA ARG A 187 -10.05 -14.04 1.28
C ARG A 187 -11.19 -14.49 0.39
N SER A 188 -11.34 -13.88 -0.78
CA SER A 188 -12.43 -14.30 -1.64
C SER A 188 -11.96 -15.07 -2.89
N GLU A 189 -12.90 -15.69 -3.57
CA GLU A 189 -12.60 -16.35 -4.82
C GLU A 189 -11.95 -15.37 -5.81
N LYS A 190 -10.90 -15.84 -6.45
CA LYS A 190 -10.21 -15.11 -7.53
C LYS A 190 -9.75 -16.20 -8.52
N GLN A 191 -9.75 -15.82 -9.79
CA GLN A 191 -9.24 -16.69 -10.82
C GLN A 191 -8.34 -15.75 -11.61
N LEU A 192 -7.06 -16.06 -11.67
CA LEU A 192 -6.13 -15.24 -12.42
C LEU A 192 -5.34 -16.22 -13.30
N ALA A 193 -5.31 -15.97 -14.59
CA ALA A 193 -4.61 -16.87 -15.55
C ALA A 193 -3.15 -16.88 -15.25
N GLY A 194 -2.57 -18.08 -15.16
CA GLY A 194 -1.11 -18.22 -14.97
C GLY A 194 -0.64 -18.18 -13.54
N VAL A 195 -1.58 -18.11 -12.58
CA VAL A 195 -1.35 -17.95 -11.14
C VAL A 195 -2.13 -19.02 -10.37
N THR A 196 -1.49 -19.65 -9.42
CA THR A 196 -2.13 -20.68 -8.63
C THR A 196 -2.85 -19.94 -7.50
N CYS A 197 -4.16 -19.85 -7.57
CA CYS A 197 -4.94 -19.06 -6.61
C CYS A 197 -5.52 -19.89 -5.46
N TYR A 198 -5.27 -19.40 -4.25
CA TYR A 198 -5.75 -20.03 -3.01
C TYR A 198 -6.70 -19.06 -2.32
N ARG A 199 -7.68 -19.63 -1.63
CA ARG A 199 -8.73 -18.83 -0.98
C ARG A 199 -8.88 -19.19 0.51
N GLY A 200 -8.87 -18.21 1.39
CA GLY A 200 -9.25 -18.42 2.81
C GLY A 200 -8.16 -18.97 3.70
N GLU A 201 -8.40 -18.89 5.00
CA GLU A 201 -7.35 -19.16 5.99
C GLU A 201 -6.93 -20.59 5.91
N GLU A 202 -7.90 -21.46 5.65
CA GLU A 202 -7.66 -22.89 5.63
C GLU A 202 -6.60 -23.29 4.58
N ALA A 203 -6.54 -22.50 3.51
CA ALA A 203 -5.65 -22.71 2.38
C ALA A 203 -4.28 -22.09 2.59
N LEU A 204 -4.05 -21.48 3.75
CA LEU A 204 -2.78 -20.81 3.97
C LEU A 204 -1.60 -21.74 3.97
N ASP A 205 -1.68 -22.86 4.67
CA ASP A 205 -0.55 -23.81 4.70
C ASP A 205 -0.08 -24.21 3.30
N HIS A 206 -1.03 -24.49 2.39
CA HIS A 206 -0.69 -24.91 1.02
C HIS A 206 -0.16 -23.71 0.26
N PHE A 207 -0.75 -22.52 0.47
CA PHE A 207 -0.22 -21.32 -0.27
C PHE A 207 1.23 -21.04 0.15
N LEU A 208 1.47 -21.07 1.44
CA LEU A 208 2.82 -20.77 1.96
C LEU A 208 3.89 -21.82 1.71
N GLY A 209 3.50 -23.09 1.65
CA GLY A 209 4.46 -24.18 1.82
C GLY A 209 5.42 -24.44 0.68
N SER A 210 5.20 -23.79 -0.47
CA SER A 210 6.09 -23.91 -1.65
C SER A 210 6.84 -22.61 -2.01
N LEU A 211 6.70 -21.54 -1.22
CA LEU A 211 7.16 -20.20 -1.70
C LEU A 211 8.63 -19.98 -1.47
N ASP A 212 9.30 -19.37 -2.45
CA ASP A 212 10.64 -18.82 -2.26
C ASP A 212 10.52 -17.42 -1.74
N GLY A 213 9.45 -16.72 -2.09
CA GLY A 213 9.25 -15.32 -1.74
C GLY A 213 7.78 -15.03 -1.43
N LEU A 214 7.51 -14.18 -0.43
CA LEU A 214 6.15 -13.78 -0.09
C LEU A 214 5.99 -12.26 -0.12
N ILE A 215 4.96 -11.78 -0.82
CA ILE A 215 4.69 -10.36 -0.94
C ILE A 215 3.36 -10.09 -0.35
N ASN A 216 3.36 -9.20 0.66
CA ASN A 216 2.16 -8.75 1.35
C ASN A 216 1.55 -7.48 0.76
N LEU A 217 0.35 -7.66 0.20
CA LEU A 217 -0.45 -6.50 -0.27
C LEU A 217 -1.83 -6.44 0.39
N LEU A 218 -2.03 -7.11 1.50
CA LEU A 218 -3.34 -7.08 2.19
C LEU A 218 -3.72 -5.73 2.70
N PRO A 219 -5.02 -5.41 2.70
CA PRO A 219 -5.40 -4.23 3.47
C PRO A 219 -5.27 -4.55 4.96
N LEU A 220 -5.15 -3.53 5.79
CA LEU A 220 -5.14 -3.71 7.25
C LEU A 220 -6.55 -3.77 7.83
N THR A 221 -6.89 -4.91 8.42
CA THR A 221 -8.16 -5.10 9.14
C THR A 221 -7.87 -5.77 10.48
N ALA A 222 -8.92 -5.95 11.28
CA ALA A 222 -8.74 -6.65 12.56
C ALA A 222 -8.23 -8.10 12.29
N GLN A 223 -8.69 -8.75 11.24
CA GLN A 223 -8.20 -10.10 10.95
C GLN A 223 -6.75 -10.16 10.40
N THR A 224 -6.25 -9.12 9.73
CA THR A 224 -4.90 -9.20 9.09
C THR A 224 -3.80 -8.57 9.91
N ARG A 225 -4.21 -7.86 10.95
CA ARG A 225 -3.24 -7.28 11.83
C ARG A 225 -2.36 -8.43 12.35
N GLY A 226 -1.07 -8.19 12.40
CA GLY A 226 -0.16 -9.19 12.92
C GLY A 226 -0.03 -10.48 12.14
N ILE A 227 -0.49 -10.52 10.89
CA ILE A 227 -0.44 -11.76 10.12
C ILE A 227 1.02 -12.12 9.80
N LEU A 228 1.90 -11.13 9.68
CA LEU A 228 3.33 -11.42 9.37
C LEU A 228 3.99 -11.63 10.69
N ALA A 229 3.86 -12.86 11.14
CA ALA A 229 4.36 -13.30 12.44
C ALA A 229 4.72 -14.79 12.38
N ALA A 230 5.24 -15.28 13.49
CA ALA A 230 5.80 -16.64 13.61
C ALA A 230 4.92 -17.74 13.04
N PRO A 231 3.61 -17.73 13.33
CA PRO A 231 2.81 -18.80 12.79
C PRO A 231 2.79 -18.83 11.28
N LEU A 232 2.83 -17.68 10.64
CA LEU A 232 2.87 -17.61 9.22
C LEU A 232 4.31 -17.95 8.73
N PHE A 233 5.32 -17.35 9.30
CA PHE A 233 6.69 -17.59 8.86
C PHE A 233 7.09 -19.05 9.02
N ASN A 234 6.65 -19.72 10.07
CA ASN A 234 6.95 -21.13 10.22
C ASN A 234 6.30 -22.07 9.23
N ARG A 235 5.38 -21.55 8.42
CA ARG A 235 4.80 -22.40 7.39
C ARG A 235 5.42 -22.20 6.05
N LEU A 236 6.33 -21.23 5.97
CA LEU A 236 7.08 -21.05 4.76
C LEU A 236 8.24 -22.08 4.81
N PRO A 237 8.78 -22.47 3.65
CA PRO A 237 10.02 -23.26 3.61
C PRO A 237 11.18 -22.41 4.08
N ALA A 238 12.08 -23.00 4.84
CA ALA A 238 13.26 -22.29 5.35
C ALA A 238 13.92 -21.53 4.25
N GLY A 239 14.32 -20.30 4.53
CA GLY A 239 15.09 -19.50 3.59
C GLY A 239 14.22 -18.70 2.65
N ALA A 240 12.91 -18.62 2.95
CA ALA A 240 12.07 -17.71 2.23
C ALA A 240 12.41 -16.27 2.46
N VAL A 241 11.95 -15.44 1.54
CA VAL A 241 12.09 -13.98 1.66
C VAL A 241 10.75 -13.28 1.77
N LEU A 242 10.72 -12.17 2.50
CA LEU A 242 9.52 -11.40 2.72
C LEU A 242 9.61 -10.02 2.13
N ILE A 243 8.50 -9.55 1.59
CA ILE A 243 8.37 -8.22 1.00
C ILE A 243 7.09 -7.64 1.47
N ASN A 244 7.17 -6.59 2.30
CA ASN A 244 5.96 -6.02 2.85
C ASN A 244 5.60 -4.69 2.24
N CYS A 245 4.57 -4.69 1.42
CA CYS A 245 4.02 -3.49 0.86
C CYS A 245 2.63 -3.17 1.41
N GLY A 246 2.26 -3.67 2.61
CA GLY A 246 0.88 -3.41 3.10
C GLY A 246 0.89 -2.30 4.12
N ARG A 247 0.86 -2.63 5.40
CA ARG A 247 0.91 -1.65 6.47
C ARG A 247 1.89 -2.15 7.54
N GLY A 248 2.35 -1.26 8.41
CA GLY A 248 3.35 -1.65 9.39
C GLY A 248 2.71 -2.57 10.41
N GLU A 249 1.42 -2.38 10.64
CA GLU A 249 0.74 -3.17 11.63
C GLU A 249 0.53 -4.62 11.20
N HIS A 250 0.78 -4.92 9.95
CA HIS A 250 0.73 -6.29 9.48
C HIS A 250 1.80 -7.12 10.18
N MSE A 251 2.88 -6.48 10.56
CA MSE A 251 4.04 -7.13 11.08
C MSE A 251 4.13 -7.23 12.57
O MSE A 251 3.77 -6.27 13.27
CB MSE A 251 5.18 -6.19 10.78
CG MSE A 251 6.09 -6.64 9.67
SE MSE A 251 7.75 -5.60 9.76
CE MSE A 251 7.30 -3.99 10.73
N VAL A 252 4.62 -8.34 13.09
CA VAL A 252 5.11 -8.39 14.44
C VAL A 252 6.62 -8.37 14.39
N ASN A 253 7.25 -7.27 14.78
CA ASN A 253 8.69 -7.06 14.47
C ASN A 253 9.65 -8.08 15.05
N ASP A 254 9.33 -8.54 16.26
CA ASP A 254 10.18 -9.44 17.04
C ASP A 254 10.25 -10.76 16.29
N ASP A 255 9.12 -11.14 15.71
CA ASP A 255 8.97 -12.38 14.99
C ASP A 255 9.74 -12.32 13.67
N VAL A 256 9.77 -11.16 13.01
CA VAL A 256 10.56 -10.97 11.79
C VAL A 256 12.03 -11.21 12.13
N LEU A 257 12.51 -10.50 13.13
CA LEU A 257 13.94 -10.58 13.55
C LEU A 257 14.32 -11.98 13.99
N ALA A 258 13.40 -12.65 14.69
CA ALA A 258 13.61 -14.04 15.10
C ALA A 258 13.70 -14.96 13.89
N ALA A 259 12.86 -14.74 12.89
CA ALA A 259 12.93 -15.57 11.68
C ALA A 259 14.21 -15.34 10.90
N LEU A 260 14.60 -14.08 10.81
CA LEU A 260 15.88 -13.78 10.14
C LEU A 260 17.04 -14.41 10.87
N GLU A 261 17.03 -14.36 12.18
CA GLU A 261 18.09 -15.01 12.95
C GLU A 261 18.19 -16.54 12.87
N SER A 262 17.08 -17.27 12.83
CA SER A 262 17.16 -18.72 12.63
C SER A 262 17.41 -19.12 11.16
N GLY A 263 17.14 -18.20 10.22
CA GLY A 263 17.23 -18.50 8.80
C GLY A 263 15.92 -18.95 8.21
N GLN A 264 14.86 -19.03 9.04
CA GLN A 264 13.48 -19.23 8.51
C GLN A 264 13.18 -18.22 7.39
N LEU A 265 13.44 -16.93 7.66
CA LEU A 265 13.62 -15.96 6.59
C LEU A 265 15.09 -15.66 6.26
N ALA A 266 15.40 -15.60 4.95
CA ALA A 266 16.74 -15.22 4.44
C ALA A 266 16.85 -13.71 4.25
N GLY A 267 15.74 -12.98 4.23
CA GLY A 267 15.80 -11.57 4.01
C GLY A 267 14.45 -10.91 3.95
N ALA A 268 14.43 -9.60 4.17
CA ALA A 268 13.21 -8.86 4.01
C ALA A 268 13.47 -7.54 3.36
N VAL A 269 12.49 -7.12 2.57
CA VAL A 269 12.36 -5.79 2.09
C VAL A 269 11.08 -5.22 2.67
N LEU A 270 11.22 -4.12 3.41
CA LEU A 270 10.12 -3.54 4.23
C LEU A 270 9.94 -2.11 3.90
N ASP A 271 8.73 -1.75 3.42
CA ASP A 271 8.39 -0.34 3.03
C ASP A 271 7.53 0.44 4.03
N VAL A 272 6.97 -0.26 5.00
CA VAL A 272 5.89 0.32 5.79
C VAL A 272 6.05 -0.16 7.23
N PHE A 273 5.76 0.77 8.17
CA PHE A 273 6.08 0.59 9.61
C PHE A 273 4.99 1.20 10.50
N PRO A 274 4.80 0.63 11.72
CA PRO A 274 3.75 1.20 12.59
C PRO A 274 3.91 2.74 12.76
N GLN A 275 5.14 3.23 12.98
CA GLN A 275 5.45 4.68 13.03
C GLN A 275 6.41 5.08 11.89
N GLU A 276 6.06 6.15 11.18
CA GLU A 276 6.87 6.66 10.06
C GLU A 276 7.11 8.19 10.19
N PRO A 277 8.36 8.68 10.01
CA PRO A 277 9.61 7.93 9.82
C PRO A 277 9.81 6.82 10.87
N LEU A 278 10.38 5.70 10.42
CA LEU A 278 10.82 4.64 11.32
C LEU A 278 11.87 5.20 12.25
N PRO A 279 11.70 4.98 13.56
CA PRO A 279 12.67 5.63 14.47
C PRO A 279 14.11 5.15 14.27
N ALA A 280 15.06 6.10 14.35
CA ALA A 280 16.49 5.82 14.08
C ALA A 280 17.03 4.62 14.90
N ASP A 281 16.41 4.37 16.05
CA ASP A 281 16.80 3.32 17.00
C ASP A 281 16.15 1.97 16.75
N ASP A 282 15.18 1.91 15.84
CA ASP A 282 14.52 0.64 15.57
C ASP A 282 15.60 -0.34 15.07
N PRO A 283 15.63 -1.58 15.62
CA PRO A 283 16.68 -2.54 15.20
C PRO A 283 16.56 -3.04 13.74
N LEU A 284 15.39 -2.90 13.10
CA LEU A 284 15.24 -3.26 11.69
C LEU A 284 16.29 -2.51 10.82
N TRP A 285 16.52 -1.21 11.10
CA TRP A 285 17.44 -0.37 10.33
C TRP A 285 18.80 -1.04 10.15
N ARG A 286 19.18 -1.83 11.16
CA ARG A 286 20.52 -2.39 11.31
C ARG A 286 20.70 -3.85 10.96
N HIS A 287 19.64 -4.62 10.73
CA HIS A 287 19.81 -6.02 10.39
C HIS A 287 20.41 -6.14 8.97
N PRO A 288 21.54 -6.87 8.84
CA PRO A 288 22.18 -7.06 7.55
C PRO A 288 21.25 -7.59 6.44
N GLN A 289 20.12 -8.21 6.79
CA GLN A 289 19.29 -8.89 5.80
C GLN A 289 17.96 -8.20 5.54
N VAL A 290 17.88 -6.97 6.03
CA VAL A 290 16.75 -6.17 5.88
C VAL A 290 17.13 -5.02 5.02
N VAL A 291 16.20 -4.72 4.11
CA VAL A 291 16.18 -3.50 3.40
C VAL A 291 15.01 -2.71 3.89
N ILE A 292 15.29 -1.47 4.30
CA ILE A 292 14.25 -0.50 4.68
C ILE A 292 14.07 0.52 3.59
N THR A 293 12.86 0.68 3.07
CA THR A 293 12.57 1.77 2.15
C THR A 293 11.53 2.71 2.80
N PRO A 294 11.54 4.01 2.43
CA PRO A 294 10.80 5.05 3.18
C PRO A 294 9.36 5.29 2.78
N HIS A 295 8.57 4.24 2.85
CA HIS A 295 7.21 4.25 2.35
C HIS A 295 7.09 4.89 0.98
N MSE A 296 7.90 4.33 0.05
CA MSE A 296 8.06 4.83 -1.30
C MSE A 296 7.46 3.95 -2.38
O MSE A 296 7.44 4.36 -3.53
CB MSE A 296 9.56 4.97 -1.57
CG MSE A 296 10.27 3.60 -1.64
SE MSE A 296 12.16 3.94 -2.21
CE MSE A 296 12.21 2.49 -3.52
N ALA A 297 6.93 2.79 -2.02
CA ALA A 297 6.58 1.77 -3.04
C ALA A 297 5.82 2.44 -4.16
N SER A 298 4.79 3.22 -3.81
CA SER A 298 4.09 3.97 -4.85
C SER A 298 3.11 4.97 -4.21
N ALA A 299 2.82 6.01 -4.98
CA ALA A 299 1.91 7.10 -4.61
C ALA A 299 1.30 7.66 -5.85
N ALA A 300 0.00 7.95 -5.78
CA ALA A 300 -0.70 8.56 -6.90
C ALA A 300 -0.13 9.98 -7.02
N PRO A 301 -0.01 10.54 -8.22
CA PRO A 301 0.53 11.83 -8.19
C PRO A 301 -0.55 12.84 -7.85
N ALA A 302 -0.07 13.93 -7.32
CA ALA A 302 -0.95 15.06 -6.92
C ALA A 302 -1.95 15.47 -8.02
N GLU A 303 -1.49 15.51 -9.27
CA GLU A 303 -2.33 16.01 -10.35
C GLU A 303 -3.40 15.00 -10.69
N VAL A 304 -3.10 13.71 -10.51
CA VAL A 304 -4.09 12.67 -10.78
C VAL A 304 -5.16 12.71 -9.71
N ILE A 305 -4.70 12.83 -8.48
CA ILE A 305 -5.61 12.98 -7.36
C ILE A 305 -6.58 14.19 -7.54
N ALA A 306 -6.00 15.35 -7.84
CA ALA A 306 -6.72 16.55 -8.03
C ALA A 306 -7.78 16.39 -9.09
N ARG A 307 -7.39 15.84 -10.23
CA ARG A 307 -8.31 15.71 -11.32
C ARG A 307 -9.41 14.72 -11.03
N GLN A 308 -9.10 13.59 -10.45
CA GLN A 308 -10.19 12.66 -10.14
C GLN A 308 -11.14 13.23 -9.07
N LEU A 309 -10.59 13.97 -8.12
CA LEU A 309 -11.45 14.56 -7.07
C LEU A 309 -12.40 15.58 -7.72
N LEU A 310 -11.85 16.47 -8.53
CA LEU A 310 -12.67 17.49 -9.18
C LEU A 310 -13.69 16.89 -10.12
N GLU A 311 -13.32 15.89 -10.90
CA GLU A 311 -14.28 15.21 -11.76
C GLU A 311 -15.45 14.65 -10.94
N ASN A 312 -15.15 14.07 -9.79
CA ASN A 312 -16.20 13.54 -8.93
C ASN A 312 -17.07 14.62 -8.24
N ILE A 313 -16.46 15.73 -7.86
CA ILE A 313 -17.19 16.87 -7.38
C ILE A 313 -18.15 17.31 -8.46
N GLN A 314 -17.66 17.54 -9.67
CA GLN A 314 -18.51 17.97 -10.74
C GLN A 314 -19.64 16.99 -11.01
N ARG A 315 -19.34 15.70 -11.06
CA ARG A 315 -20.43 14.69 -11.18
C ARG A 315 -21.47 14.85 -10.10
N GLN A 316 -21.00 14.95 -8.88
CA GLN A 316 -21.89 15.08 -7.76
C GLN A 316 -22.77 16.32 -7.94
N ARG A 317 -22.17 17.47 -8.22
CA ARG A 317 -22.95 18.72 -8.38
C ARG A 317 -23.97 18.66 -9.52
N ARG A 318 -23.73 17.77 -10.49
CA ARG A 318 -24.64 17.62 -11.62
C ARG A 318 -25.63 16.46 -11.39
N GLY A 319 -25.65 15.91 -10.18
CA GLY A 319 -26.56 14.83 -9.87
C GLY A 319 -26.16 13.46 -10.42
N LEU A 320 -24.96 13.33 -10.99
CA LEU A 320 -24.55 12.03 -11.54
C LEU A 320 -24.00 11.03 -10.51
N PRO A 321 -23.93 9.74 -10.90
CA PRO A 321 -23.24 8.72 -10.13
C PRO A 321 -21.73 8.94 -10.07
N LEU A 322 -21.17 8.76 -8.90
CA LEU A 322 -19.77 9.02 -8.68
C LEU A 322 -18.97 7.84 -9.17
N LYS A 323 -17.73 8.09 -9.51
CA LYS A 323 -16.87 7.04 -9.99
C LYS A 323 -16.04 6.64 -8.78
N ASN A 324 -15.61 5.37 -8.78
CA ASN A 324 -14.68 4.82 -7.78
C ASN A 324 -15.16 5.00 -6.35
N LEU A 325 -16.44 4.75 -6.19
CA LEU A 325 -17.07 4.83 -4.91
C LEU A 325 -16.56 3.67 -4.05
N VAL A 326 -16.27 3.95 -2.77
CA VAL A 326 -15.83 2.98 -1.78
C VAL A 326 -17.05 2.31 -1.19
N ASN A 327 -17.03 1.00 -1.21
CA ASN A 327 -17.99 0.19 -0.54
C ASN A 327 -17.58 0.16 0.91
N LYS A 328 -18.34 0.85 1.75
CA LYS A 328 -17.96 0.95 3.12
C LYS A 328 -18.12 -0.35 3.92
N HIS A 329 -18.87 -1.33 3.39
CA HIS A 329 -19.18 -2.60 4.10
CA HIS A 329 -19.13 -2.58 4.11
C HIS A 329 -18.48 -3.79 3.44
N ALA A 330 -17.28 -3.56 2.89
CA ALA A 330 -16.49 -4.65 2.25
C ALA A 330 -15.25 -4.93 3.07
O4 PE4 B . -22.35 21.95 -12.91
C7 PE4 B . -21.05 22.05 -13.50
C8 PE4 B . -20.62 23.51 -13.47
O5 PE4 B . -19.26 23.67 -13.85
C9 PE4 B . -18.71 24.96 -13.57
C10 PE4 B . -18.23 25.01 -12.13
O6 PE4 B . -16.82 25.33 -12.08
C11 PE4 B . -16.05 24.64 -11.09
C12 PE4 B . -14.55 24.64 -11.44
O7 PE4 B . -13.96 23.33 -11.45
C13 PE4 B . -13.33 22.94 -12.67
C14 PE4 B . -12.98 21.46 -12.56
O8 PE4 B . -13.46 20.71 -13.69
C15 PE4 B . -12.49 19.91 -14.38
C16 PE4 B . -12.71 18.45 -14.08
C1 CIT C . -10.43 -9.08 -2.07
O1 CIT C . -10.65 -9.55 -0.92
O2 CIT C . -11.07 -9.52 -3.06
C2 CIT C . -9.38 -8.01 -2.36
C3 CIT C . -8.63 -7.46 -1.11
O7 CIT C . -9.68 -7.03 -0.23
C4 CIT C . -7.70 -8.45 -0.34
C5 CIT C . -7.97 -9.93 -0.58
O3 CIT C . -7.70 -10.31 -1.75
O4 CIT C . -8.40 -10.69 0.38
C6 CIT C . -7.76 -6.25 -1.44
#